data_6QXU
#
_entry.id   6QXU
#
_cell.length_a   77.940
_cell.length_b   94.640
_cell.length_c   62.340
_cell.angle_alpha   90.00
_cell.angle_beta   90.00
_cell.angle_gamma   90.00
#
_symmetry.space_group_name_H-M   'C 2 2 21'
#
loop_
_entity.id
_entity.type
_entity.pdbx_description
1 polymer 'Poly [ADP-ribose] polymerase tankyrase-1'
2 non-polymer BETA-MERCAPTOETHANOL
3 non-polymer 6,8-bis(fluoranyl)-2-[4-(2-oxidanylpropan-2-yl)phenyl]-3~{H}-quinazolin-4-one
4 non-polymer 'ZINC ION'
5 water water
#
_entity_poly.entity_id   1
_entity_poly.type   'polypeptide(L)'
_entity_poly.pdbx_seq_one_letter_code
;QGTILLDLAPEDKEYQSVEEEMQSTIREHRDGGNAGGIFNRYNVIRIQKVVNKKLRERFCHRQKEVSEENHNHHNERMLF
HGSPFINAIIHKGFDERHAYIGGMFGAGIYFAENSSKSNQYVYGIGGGTGCPTHKDRSCYICHRQMLFCRVTLGKSFLQF
STMKMAHAPPGHHSVIGRPSVNGLAYAEYVIYRGEQAYPEYLITYQIMKPE
;
_entity_poly.pdbx_strand_id   A
#
# COMPACT_ATOMS: atom_id res chain seq x y z
N GLY A 2 17.25 -1.69 -15.33
CA GLY A 2 15.92 -1.41 -14.81
C GLY A 2 15.45 -2.41 -13.77
N THR A 3 14.21 -2.30 -13.35
CA THR A 3 13.64 -3.20 -12.35
C THR A 3 13.59 -4.62 -12.84
N ILE A 4 13.94 -5.55 -11.95
N ILE A 4 13.94 -5.56 -11.97
CA ILE A 4 13.87 -7.00 -12.15
CA ILE A 4 13.75 -6.97 -12.28
C ILE A 4 12.88 -7.55 -11.12
C ILE A 4 12.87 -7.55 -11.17
N LEU A 5 12.06 -8.53 -11.54
CA LEU A 5 11.12 -9.19 -10.63
C LEU A 5 11.63 -10.60 -10.40
N LEU A 6 11.82 -10.98 -9.12
CA LEU A 6 12.24 -12.31 -8.75
C LEU A 6 11.03 -13.07 -8.25
N ASP A 7 10.74 -14.22 -8.82
CA ASP A 7 9.57 -15.00 -8.42
C ASP A 7 9.87 -15.75 -7.13
N LEU A 8 8.99 -15.64 -6.14
CA LEU A 8 9.12 -16.36 -4.87
C LEU A 8 8.30 -17.64 -5.00
N ALA A 9 8.87 -18.76 -4.59
CA ALA A 9 8.15 -20.02 -4.69
C ALA A 9 7.14 -20.13 -3.53
N PRO A 10 5.96 -20.75 -3.74
CA PRO A 10 5.00 -20.88 -2.63
C PRO A 10 5.55 -21.61 -1.42
N GLU A 11 6.55 -22.48 -1.64
CA GLU A 11 7.19 -23.27 -0.59
C GLU A 11 8.13 -22.41 0.27
N ASP A 12 8.53 -21.22 -0.22
CA ASP A 12 9.44 -20.32 0.49
C ASP A 12 8.76 -19.62 1.66
N LYS A 13 9.45 -19.50 2.82
CA LYS A 13 8.91 -18.80 4.01
C LYS A 13 8.61 -17.32 3.72
N GLU A 14 9.39 -16.71 2.84
CA GLU A 14 9.22 -15.29 2.48
C GLU A 14 7.85 -15.09 1.76
N TYR A 15 7.53 -15.96 0.80
CA TYR A 15 6.23 -15.94 0.12
C TYR A 15 5.12 -16.15 1.18
N GLN A 16 5.30 -17.15 2.05
CA GLN A 16 4.30 -17.46 3.06
C GLN A 16 4.02 -16.30 4.05
N SER A 17 5.07 -15.58 4.45
N SER A 17 5.06 -15.57 4.49
N SER A 17 5.06 -15.56 4.47
CA SER A 17 5.02 -14.43 5.35
CA SER A 17 4.87 -14.44 5.41
CA SER A 17 4.90 -14.44 5.38
C SER A 17 4.18 -13.30 4.73
C SER A 17 4.11 -13.30 4.74
C SER A 17 4.09 -13.33 4.72
N VAL A 18 4.40 -13.02 3.44
CA VAL A 18 3.68 -11.99 2.69
C VAL A 18 2.22 -12.40 2.52
N GLU A 19 1.97 -13.63 2.06
CA GLU A 19 0.58 -14.06 1.91
C GLU A 19 -0.19 -14.03 3.22
N GLU A 20 0.43 -14.45 4.33
CA GLU A 20 -0.24 -14.44 5.61
C GLU A 20 -0.59 -13.04 6.08
N GLU A 21 0.32 -12.08 5.90
CA GLU A 21 -0.02 -10.72 6.25
C GLU A 21 -1.16 -10.20 5.37
N MET A 22 -1.12 -10.50 4.09
CA MET A 22 -2.20 -10.07 3.20
C MET A 22 -3.56 -10.66 3.59
N GLN A 23 -3.58 -11.96 3.86
CA GLN A 23 -4.87 -12.60 4.16
C GLN A 23 -5.40 -12.22 5.53
N SER A 24 -4.52 -12.18 6.54
CA SER A 24 -4.94 -11.95 7.92
C SER A 24 -5.45 -10.54 8.18
N THR A 25 -5.08 -9.58 7.28
CA THR A 25 -5.45 -8.19 7.50
C THR A 25 -6.67 -7.77 6.74
N ILE A 26 -7.38 -8.69 6.09
CA ILE A 26 -8.65 -8.42 5.42
C ILE A 26 -9.67 -8.04 6.44
N ARG A 27 -10.41 -7.01 6.12
CA ARG A 27 -11.48 -6.52 6.98
C ARG A 27 -12.71 -6.24 6.14
N GLU A 28 -13.87 -6.14 6.81
CA GLU A 28 -15.14 -5.75 6.19
C GLU A 28 -15.17 -4.22 6.13
N HIS A 29 -15.49 -3.69 4.95
CA HIS A 29 -15.49 -2.27 4.74
C HIS A 29 -16.89 -1.66 4.86
N ARG A 30 -16.89 -0.35 5.21
N ARG A 30 -16.92 -0.43 5.30
CA ARG A 30 -18.05 0.55 5.47
CA ARG A 30 -18.18 0.26 5.55
C ARG A 30 -18.87 0.92 4.25
C ARG A 30 -18.99 0.56 4.31
N ASP A 31 -18.34 0.60 3.08
CA ASP A 31 -19.01 0.90 1.82
C ASP A 31 -19.80 -0.27 1.24
N GLY A 32 -20.01 -1.33 2.03
CA GLY A 32 -20.77 -2.50 1.61
C GLY A 32 -20.07 -3.25 0.50
N GLY A 33 -18.74 -3.06 0.37
CA GLY A 33 -17.94 -3.68 -0.67
C GLY A 33 -17.97 -2.96 -2.01
N ASN A 34 -18.52 -1.73 -2.07
CA ASN A 34 -18.63 -1.05 -3.36
C ASN A 34 -17.30 -0.90 -4.08
N ALA A 35 -16.29 -0.38 -3.35
CA ALA A 35 -15.01 -0.08 -3.98
C ALA A 35 -14.21 -1.30 -4.37
N GLY A 36 -14.07 -2.25 -3.44
CA GLY A 36 -13.15 -3.36 -3.66
C GLY A 36 -13.76 -4.73 -3.90
N GLY A 37 -15.06 -4.84 -3.74
CA GLY A 37 -15.76 -6.10 -3.92
C GLY A 37 -16.02 -6.82 -2.62
N ILE A 38 -16.73 -7.94 -2.72
N ILE A 38 -16.73 -7.94 -2.72
CA ILE A 38 -17.12 -8.72 -1.55
CA ILE A 38 -17.11 -8.76 -1.58
C ILE A 38 -16.33 -10.03 -1.51
C ILE A 38 -16.26 -10.02 -1.54
N PHE A 39 -15.57 -10.23 -0.42
CA PHE A 39 -14.69 -11.37 -0.23
C PHE A 39 -14.20 -11.44 1.21
N ASN A 40 -13.85 -12.68 1.61
N ASN A 40 -13.71 -12.59 1.63
CA ASN A 40 -13.30 -13.10 2.90
CA ASN A 40 -13.10 -12.71 2.96
C ASN A 40 -11.86 -13.56 2.72
C ASN A 40 -11.69 -13.30 2.86
N ARG A 41 -11.41 -13.81 1.47
N ARG A 41 -11.24 -13.61 1.62
CA ARG A 41 -10.10 -14.37 1.17
CA ARG A 41 -9.96 -14.25 1.33
C ARG A 41 -9.64 -13.99 -0.22
C ARG A 41 -9.61 -13.94 -0.12
N TYR A 42 -8.30 -13.99 -0.42
CA TYR A 42 -7.76 -13.81 -1.75
C TYR A 42 -7.27 -15.18 -2.25
N ASN A 43 -7.17 -15.29 -3.57
CA ASN A 43 -6.50 -16.41 -4.20
C ASN A 43 -5.18 -15.77 -4.69
N VAL A 44 -4.06 -16.05 -4.05
CA VAL A 44 -2.79 -15.49 -4.45
C VAL A 44 -2.24 -16.30 -5.63
N ILE A 45 -1.99 -15.61 -6.74
CA ILE A 45 -1.46 -16.13 -7.99
C ILE A 45 0.08 -16.23 -7.92
N ARG A 46 0.74 -15.14 -7.51
N ARG A 46 0.73 -15.12 -7.53
CA ARG A 46 2.19 -15.12 -7.39
CA ARG A 46 2.18 -15.06 -7.41
C ARG A 46 2.61 -13.95 -6.55
C ARG A 46 2.61 -13.93 -6.55
N ILE A 47 3.83 -14.03 -6.04
CA ILE A 47 4.45 -12.99 -5.23
C ILE A 47 5.83 -12.83 -5.77
N GLN A 48 6.18 -11.62 -6.16
CA GLN A 48 7.47 -11.34 -6.72
C GLN A 48 8.20 -10.29 -5.93
N LYS A 49 9.52 -10.47 -5.74
N LYS A 49 9.51 -10.46 -5.78
CA LYS A 49 10.35 -9.48 -5.04
CA LYS A 49 10.37 -9.48 -5.11
C LYS A 49 10.90 -8.50 -6.08
C LYS A 49 10.82 -8.48 -6.17
N VAL A 50 10.73 -7.18 -5.85
CA VAL A 50 11.14 -6.12 -6.79
C VAL A 50 12.55 -5.67 -6.50
N VAL A 51 13.42 -5.82 -7.52
CA VAL A 51 14.82 -5.48 -7.36
C VAL A 51 15.17 -4.32 -8.26
N ASN A 52 15.71 -3.24 -7.67
CA ASN A 52 16.15 -2.06 -8.42
C ASN A 52 17.14 -1.34 -7.53
N LYS A 53 18.42 -1.50 -7.83
CA LYS A 53 19.50 -0.96 -7.02
C LYS A 53 19.41 0.56 -6.85
N LYS A 54 19.11 1.26 -7.94
CA LYS A 54 18.97 2.73 -7.96
C LYS A 54 17.83 3.19 -7.03
N LEU A 55 16.67 2.53 -7.16
CA LEU A 55 15.53 2.89 -6.31
C LEU A 55 15.83 2.55 -4.85
N ARG A 56 16.46 1.40 -4.63
CA ARG A 56 16.84 0.97 -3.28
C ARG A 56 17.80 1.99 -2.65
N GLU A 57 18.76 2.48 -3.43
CA GLU A 57 19.70 3.44 -2.86
C GLU A 57 19.04 4.74 -2.47
N ARG A 58 18.07 5.20 -3.27
CA ARG A 58 17.35 6.42 -2.95
C ARG A 58 16.55 6.24 -1.65
N PHE A 59 15.93 5.06 -1.49
CA PHE A 59 15.18 4.75 -0.29
C PHE A 59 16.08 4.66 0.95
N CYS A 60 17.20 3.93 0.82
CA CYS A 60 18.10 3.77 1.95
C CYS A 60 18.78 5.05 2.37
N HIS A 61 19.07 5.90 1.41
CA HIS A 61 19.69 7.20 1.69
C HIS A 61 18.72 8.05 2.51
N ARG A 62 17.45 8.07 2.09
CA ARG A 62 16.48 8.84 2.86
C ARG A 62 16.21 8.22 4.24
N GLN A 63 16.21 6.86 4.32
CA GLN A 63 15.95 6.22 5.60
C GLN A 63 17.01 6.59 6.64
N LYS A 64 18.27 6.63 6.21
CA LYS A 64 19.38 7.01 7.10
C LYS A 64 19.20 8.47 7.57
N GLU A 65 18.82 9.33 6.64
CA GLU A 65 18.61 10.74 6.93
C GLU A 65 17.47 10.91 7.96
N VAL A 66 16.37 10.19 7.79
CA VAL A 66 15.26 10.28 8.72
C VAL A 66 15.69 9.70 10.09
N SER A 67 16.37 8.55 10.10
CA SER A 67 16.88 7.94 11.33
C SER A 67 17.73 8.96 12.13
N GLU A 68 18.67 9.65 11.44
CA GLU A 68 19.54 10.65 12.09
C GLU A 68 18.74 11.81 12.69
N GLU A 69 17.65 12.23 12.02
CA GLU A 69 16.74 13.31 12.43
C GLU A 69 15.79 12.90 13.55
N ASN A 70 15.60 11.56 13.76
CA ASN A 70 14.63 11.04 14.70
C ASN A 70 15.20 10.10 15.76
N HIS A 71 16.31 10.49 16.41
CA HIS A 71 16.94 9.75 17.51
C HIS A 71 17.22 8.27 17.15
N ASN A 72 17.69 8.05 15.91
CA ASN A 72 18.09 6.76 15.33
C ASN A 72 16.93 5.79 15.16
N HIS A 73 15.67 6.33 15.05
CA HIS A 73 14.45 5.54 14.82
C HIS A 73 13.82 5.95 13.50
N HIS A 74 14.11 5.20 12.47
CA HIS A 74 13.50 5.47 11.16
C HIS A 74 12.05 5.06 11.09
N ASN A 75 11.62 4.14 12.00
CA ASN A 75 10.23 3.68 12.09
C ASN A 75 9.68 3.15 10.77
N GLU A 76 10.44 2.26 10.15
CA GLU A 76 9.94 1.61 8.93
C GLU A 76 8.80 0.65 9.28
N ARG A 77 7.81 0.58 8.40
N ARG A 77 7.78 0.61 8.41
CA ARG A 77 6.74 -0.37 8.53
CA ARG A 77 6.65 -0.30 8.52
C ARG A 77 6.37 -0.94 7.19
C ARG A 77 6.47 -0.98 7.19
N MET A 78 5.98 -2.23 7.21
CA MET A 78 5.57 -2.91 5.99
C MET A 78 4.08 -2.63 5.79
N LEU A 79 3.71 -2.05 4.66
CA LEU A 79 2.32 -1.59 4.47
C LEU A 79 1.90 -1.83 3.04
N PHE A 80 0.60 -1.91 2.80
CA PHE A 80 0.09 -2.18 1.47
C PHE A 80 -0.20 -0.91 0.69
N HIS A 81 -0.11 -1.03 -0.66
CA HIS A 81 -0.48 0.05 -1.54
C HIS A 81 -1.18 -0.51 -2.77
N GLY A 82 -2.35 0.03 -3.07
CA GLY A 82 -3.05 -0.29 -4.31
C GLY A 82 -3.10 0.94 -5.16
N SER A 83 -2.93 0.78 -6.46
CA SER A 83 -2.98 1.89 -7.39
C SER A 83 -3.24 1.38 -8.78
N PRO A 84 -4.01 2.13 -9.59
CA PRO A 84 -4.16 1.73 -11.01
C PRO A 84 -2.87 1.92 -11.81
N PHE A 85 -1.90 2.64 -11.23
CA PHE A 85 -0.62 2.92 -11.89
C PHE A 85 0.53 2.21 -11.21
N ILE A 86 0.28 0.99 -10.74
CA ILE A 86 1.26 0.14 -10.11
C ILE A 86 2.43 -0.18 -11.01
N ASN A 87 2.21 -0.34 -12.32
CA ASN A 87 3.30 -0.60 -13.27
C ASN A 87 4.34 0.52 -13.24
N ALA A 88 3.91 1.77 -13.13
CA ALA A 88 4.88 2.87 -13.05
C ALA A 88 5.67 2.84 -11.75
N ILE A 89 5.01 2.47 -10.66
CA ILE A 89 5.71 2.39 -9.38
C ILE A 89 6.79 1.31 -9.39
N ILE A 90 6.52 0.12 -9.92
N ILE A 90 6.45 0.14 -9.98
CA ILE A 90 7.62 -0.86 -9.83
CA ILE A 90 7.33 -1.03 -10.10
C ILE A 90 8.78 -0.47 -10.75
C ILE A 90 8.62 -0.64 -10.84
N HIS A 91 8.50 0.19 -11.89
CA HIS A 91 9.60 0.54 -12.77
C HIS A 91 10.29 1.86 -12.43
N LYS A 92 9.58 2.82 -11.85
CA LYS A 92 10.13 4.13 -11.56
C LYS A 92 10.15 4.50 -10.08
N GLY A 93 9.56 3.68 -9.22
CA GLY A 93 9.52 3.93 -7.78
C GLY A 93 8.36 4.81 -7.37
N PHE A 94 8.19 4.96 -6.08
CA PHE A 94 7.17 5.86 -5.54
C PHE A 94 7.56 7.30 -5.88
N ASP A 95 6.56 8.13 -6.12
CA ASP A 95 6.78 9.50 -6.57
C ASP A 95 5.68 10.40 -6.01
N GLU A 96 6.05 11.37 -5.17
CA GLU A 96 5.09 12.33 -4.61
C GLU A 96 4.51 13.24 -5.69
N ARG A 97 5.14 13.29 -6.86
CA ARG A 97 4.61 14.05 -7.98
C ARG A 97 3.33 13.41 -8.55
N HIS A 98 3.04 12.15 -8.11
CA HIS A 98 1.83 11.41 -8.43
C HIS A 98 1.03 11.16 -7.16
N ALA A 99 1.04 12.09 -6.21
CA ALA A 99 0.31 11.98 -4.95
C ALA A 99 -1.21 11.90 -5.19
N TYR A 100 -1.92 11.38 -4.19
CA TYR A 100 -3.38 11.35 -4.20
C TYR A 100 -3.84 12.72 -3.66
N ILE A 101 -4.12 13.66 -4.57
CA ILE A 101 -4.49 15.03 -4.18
C ILE A 101 -5.71 15.07 -3.31
N GLY A 102 -6.69 14.21 -3.58
CA GLY A 102 -7.96 14.22 -2.87
C GLY A 102 -7.97 13.41 -1.58
N GLY A 103 -6.83 12.87 -1.16
CA GLY A 103 -6.74 12.13 0.10
C GLY A 103 -7.08 12.96 1.32
N MET A 104 -7.46 12.31 2.44
CA MET A 104 -7.93 13.03 3.62
C MET A 104 -6.82 13.85 4.29
N PHE A 105 -5.55 13.55 3.98
CA PHE A 105 -4.41 14.30 4.50
C PHE A 105 -3.70 15.07 3.41
N GLY A 106 -4.40 15.35 2.31
CA GLY A 106 -3.81 16.14 1.24
C GLY A 106 -2.98 15.31 0.29
N ALA A 107 -2.08 16.00 -0.39
CA ALA A 107 -1.31 15.44 -1.49
C ALA A 107 -0.11 14.62 -1.06
N GLY A 108 -0.40 13.43 -0.56
CA GLY A 108 0.61 12.46 -0.18
C GLY A 108 0.42 11.12 -0.89
N ILE A 109 1.24 10.16 -0.52
CA ILE A 109 1.17 8.77 -0.99
C ILE A 109 0.69 7.99 0.18
N TYR A 110 -0.42 7.24 -0.03
CA TYR A 110 -1.18 6.61 1.06
C TYR A 110 -0.98 5.10 1.10
N PHE A 111 -0.91 4.55 2.31
CA PHE A 111 -0.69 3.13 2.54
C PHE A 111 -1.64 2.67 3.62
N ALA A 112 -1.91 1.35 3.60
CA ALA A 112 -2.80 0.75 4.58
C ALA A 112 -2.08 -0.38 5.31
N GLU A 113 -2.48 -0.65 6.55
CA GLU A 113 -2.00 -1.83 7.24
C GLU A 113 -2.98 -2.97 6.96
N ASN A 114 -4.15 -2.70 6.36
CA ASN A 114 -5.13 -3.74 6.01
C ASN A 114 -5.12 -3.90 4.52
N SER A 115 -4.78 -5.11 4.03
CA SER A 115 -4.69 -5.33 2.59
C SER A 115 -6.01 -4.96 1.89
N SER A 116 -7.16 -5.27 2.50
CA SER A 116 -8.43 -4.97 1.85
C SER A 116 -8.73 -3.49 1.68
N LYS A 117 -8.09 -2.60 2.48
CA LYS A 117 -8.25 -1.19 2.26
C LYS A 117 -7.48 -0.81 0.97
N SER A 118 -6.25 -1.34 0.81
CA SER A 118 -5.54 -1.05 -0.43
C SER A 118 -6.23 -1.67 -1.66
N ASN A 119 -6.91 -2.81 -1.49
CA ASN A 119 -7.68 -3.43 -2.59
C ASN A 119 -8.76 -2.47 -3.12
N GLN A 120 -9.27 -1.54 -2.30
CA GLN A 120 -10.28 -0.54 -2.74
C GLN A 120 -9.71 0.44 -3.76
N TYR A 121 -8.36 0.47 -3.95
CA TYR A 121 -7.73 1.44 -4.83
C TYR A 121 -7.05 0.86 -6.04
N VAL A 122 -7.08 -0.47 -6.20
CA VAL A 122 -6.44 -1.13 -7.33
C VAL A 122 -7.00 -0.68 -8.64
N TYR A 123 -8.30 -0.39 -8.73
CA TYR A 123 -8.88 0.08 -9.98
C TYR A 123 -9.21 1.57 -9.93
N GLY A 124 -8.60 2.27 -8.99
CA GLY A 124 -8.77 3.72 -8.87
C GLY A 124 -9.44 4.14 -7.60
N ILE A 125 -9.60 5.47 -7.42
CA ILE A 125 -10.29 6.03 -6.27
C ILE A 125 -11.71 5.48 -6.21
N GLY A 126 -12.12 4.99 -5.04
CA GLY A 126 -13.45 4.39 -4.91
C GLY A 126 -13.63 3.12 -5.73
N GLY A 127 -12.54 2.52 -6.24
CA GLY A 127 -12.61 1.35 -7.10
C GLY A 127 -12.84 1.70 -8.56
N GLY A 128 -13.00 3.02 -8.86
CA GLY A 128 -13.21 3.50 -10.22
C GLY A 128 -14.34 2.75 -10.89
N THR A 129 -14.09 2.29 -12.13
CA THR A 129 -15.08 1.54 -12.90
C THR A 129 -14.75 0.04 -12.81
N GLY A 130 -13.93 -0.37 -11.85
CA GLY A 130 -13.63 -1.77 -11.70
C GLY A 130 -12.67 -2.30 -12.75
N CYS A 131 -12.65 -3.62 -12.94
CA CYS A 131 -11.68 -4.20 -13.88
C CYS A 131 -11.81 -3.67 -15.29
N PRO A 132 -10.70 -3.56 -16.05
CA PRO A 132 -10.80 -3.10 -17.46
C PRO A 132 -11.71 -3.94 -18.36
N THR A 133 -11.65 -5.28 -18.23
CA THR A 133 -12.41 -6.18 -19.09
C THR A 133 -13.93 -6.19 -18.85
N HIS A 134 -14.35 -6.30 -17.57
CA HIS A 134 -15.76 -6.43 -17.24
C HIS A 134 -16.37 -5.20 -16.56
N LYS A 135 -15.56 -4.16 -16.25
CA LYS A 135 -16.10 -2.97 -15.57
C LYS A 135 -16.80 -3.37 -14.24
N ASP A 136 -16.17 -4.31 -13.52
CA ASP A 136 -16.79 -4.85 -12.32
C ASP A 136 -15.81 -4.66 -11.15
N ARG A 137 -16.21 -3.82 -10.17
CA ARG A 137 -15.39 -3.61 -8.99
C ARG A 137 -15.23 -4.86 -8.12
N SER A 138 -16.17 -5.79 -8.24
CA SER A 138 -16.12 -7.06 -7.52
C SER A 138 -15.76 -8.22 -8.44
N CYS A 139 -15.01 -7.96 -9.50
CA CYS A 139 -14.64 -9.04 -10.42
C CYS A 139 -13.90 -10.15 -9.69
N TYR A 140 -14.32 -11.41 -9.93
CA TYR A 140 -13.72 -12.61 -9.37
C TYR A 140 -12.85 -13.33 -10.39
N ILE A 141 -12.78 -12.80 -11.61
CA ILE A 141 -12.01 -13.41 -12.68
C ILE A 141 -10.67 -12.74 -12.86
N CYS A 142 -10.67 -11.44 -13.11
CA CYS A 142 -9.45 -10.73 -13.44
C CYS A 142 -8.42 -10.72 -12.35
N HIS A 143 -7.16 -10.81 -12.74
CA HIS A 143 -6.05 -10.77 -11.79
C HIS A 143 -5.77 -9.33 -11.40
N ARG A 144 -5.66 -9.10 -10.11
CA ARG A 144 -5.38 -7.80 -9.52
C ARG A 144 -3.94 -7.81 -9.07
N GLN A 145 -3.37 -6.66 -8.87
CA GLN A 145 -2.06 -6.53 -8.27
C GLN A 145 -2.07 -5.50 -7.17
N MET A 146 -1.29 -5.73 -6.12
CA MET A 146 -1.04 -4.72 -5.09
C MET A 146 0.41 -4.88 -4.63
N LEU A 147 0.88 -3.84 -3.94
CA LEU A 147 2.24 -3.83 -3.41
C LEU A 147 2.24 -4.00 -1.92
N PHE A 148 3.29 -4.66 -1.41
CA PHE A 148 3.53 -4.73 0.05
C PHE A 148 4.88 -4.09 0.17
N CYS A 149 4.92 -2.96 0.85
CA CYS A 149 6.01 -1.99 0.79
C CYS A 149 6.74 -1.74 2.06
N ARG A 150 8.01 -1.34 1.95
CA ARG A 150 8.73 -0.81 3.10
C ARG A 150 8.44 0.70 3.08
N VAL A 151 7.96 1.22 4.21
CA VAL A 151 7.63 2.64 4.32
C VAL A 151 8.36 3.27 5.51
N THR A 152 9.18 4.30 5.24
CA THR A 152 9.89 5.05 6.27
C THR A 152 8.93 6.08 6.85
N LEU A 153 8.52 5.90 8.11
CA LEU A 153 7.59 6.82 8.72
C LEU A 153 8.27 7.89 9.55
N GLY A 154 9.47 7.64 10.08
CA GLY A 154 10.14 8.60 10.97
C GLY A 154 9.24 9.04 12.11
N LYS A 155 9.14 10.34 12.34
CA LYS A 155 8.25 10.90 13.38
C LYS A 155 6.88 11.19 12.74
N SER A 156 5.84 10.45 13.17
CA SER A 156 4.51 10.59 12.58
C SER A 156 3.64 11.58 13.33
N PHE A 157 2.85 12.32 12.58
CA PHE A 157 1.88 13.24 13.17
C PHE A 157 0.57 12.46 13.18
N LEU A 158 0.04 12.18 14.37
CA LEU A 158 -1.19 11.40 14.51
C LEU A 158 -2.42 12.27 14.40
N GLN A 159 -3.42 11.83 13.63
CA GLN A 159 -4.68 12.55 13.44
C GLN A 159 -5.84 11.58 13.43
N PHE A 160 -7.02 12.06 13.80
CA PHE A 160 -8.23 11.22 13.76
C PHE A 160 -9.15 11.60 12.60
N SER A 161 -9.00 12.83 12.06
CA SER A 161 -9.86 13.34 11.02
C SER A 161 -9.09 14.19 10.03
N THR A 162 -9.73 14.46 8.89
CA THR A 162 -9.12 15.11 7.77
C THR A 162 -8.33 16.38 8.13
N MET A 163 -7.14 16.52 7.54
N MET A 163 -7.14 16.53 7.55
CA MET A 163 -6.25 17.67 7.69
CA MET A 163 -6.29 17.71 7.69
C MET A 163 -5.42 17.69 6.42
C MET A 163 -5.44 17.70 6.43
N LYS A 164 -5.86 18.45 5.42
CA LYS A 164 -5.18 18.48 4.14
C LYS A 164 -3.92 19.29 4.19
N MET A 165 -2.83 18.72 3.69
CA MET A 165 -1.55 19.40 3.64
C MET A 165 -0.82 18.95 2.41
N ALA A 166 0.15 19.76 1.95
CA ALA A 166 0.96 19.45 0.79
C ALA A 166 2.23 18.67 1.16
N HIS A 167 2.74 18.84 2.39
CA HIS A 167 4.01 18.29 2.87
C HIS A 167 3.80 17.86 4.29
N ALA A 168 4.79 17.11 4.80
CA ALA A 168 4.69 16.66 6.16
C ALA A 168 4.63 17.86 7.09
N PRO A 169 4.04 17.69 8.26
CA PRO A 169 4.02 18.77 9.24
C PRO A 169 5.45 19.14 9.67
N PRO A 170 5.73 20.41 10.00
CA PRO A 170 7.06 20.75 10.51
C PRO A 170 7.53 19.79 11.60
N GLY A 171 8.78 19.36 11.50
CA GLY A 171 9.40 18.44 12.44
C GLY A 171 8.98 16.98 12.30
N HIS A 172 8.16 16.65 11.30
CA HIS A 172 7.64 15.31 11.13
C HIS A 172 7.96 14.76 9.76
N HIS A 173 7.76 13.45 9.60
CA HIS A 173 8.11 12.73 8.38
C HIS A 173 6.94 12.01 7.75
N SER A 174 5.78 11.98 8.42
CA SER A 174 4.63 11.25 7.90
C SER A 174 3.43 11.68 8.74
N VAL A 175 2.23 11.27 8.28
CA VAL A 175 0.98 11.48 9.00
C VAL A 175 0.30 10.12 9.11
N ILE A 176 -0.29 9.87 10.28
CA ILE A 176 -1.07 8.64 10.44
C ILE A 176 -2.48 9.01 10.81
N GLY A 177 -3.44 8.47 10.06
CA GLY A 177 -4.85 8.54 10.38
C GLY A 177 -5.16 7.33 11.23
N ARG A 178 -5.46 7.54 12.49
CA ARG A 178 -5.77 6.47 13.44
C ARG A 178 -7.27 6.22 13.47
N PRO A 179 -7.72 4.94 13.62
CA PRO A 179 -9.16 4.67 13.73
C PRO A 179 -9.70 5.21 15.04
N SER A 180 -10.97 5.62 15.03
CA SER A 180 -11.66 6.12 16.23
C SER A 180 -13.15 5.93 16.01
N VAL A 181 -13.89 5.90 17.12
CA VAL A 181 -15.33 5.59 17.16
C VAL A 181 -16.18 6.31 16.04
N ASN A 182 -16.10 7.63 16.00
CA ASN A 182 -16.82 8.44 15.02
C ASN A 182 -15.87 8.87 13.90
N GLY A 183 -14.82 8.08 13.66
CA GLY A 183 -13.82 8.44 12.69
C GLY A 183 -13.49 7.31 11.75
N LEU A 184 -12.21 7.18 11.42
CA LEU A 184 -11.75 6.14 10.51
C LEU A 184 -12.01 4.75 10.97
N ALA A 185 -12.38 3.88 10.02
CA ALA A 185 -12.59 2.46 10.31
C ALA A 185 -11.22 1.78 10.51
N TYR A 186 -10.27 2.08 9.60
CA TYR A 186 -8.95 1.46 9.56
C TYR A 186 -7.91 2.53 9.40
N ALA A 187 -6.67 2.23 9.81
CA ALA A 187 -5.60 3.22 9.75
C ALA A 187 -5.19 3.52 8.34
N GLU A 188 -4.58 4.69 8.15
CA GLU A 188 -3.90 5.00 6.91
C GLU A 188 -2.64 5.76 7.24
N TYR A 189 -1.65 5.59 6.38
CA TYR A 189 -0.31 6.11 6.58
C TYR A 189 0.08 6.91 5.37
N VAL A 190 0.57 8.15 5.59
CA VAL A 190 0.82 9.04 4.48
C VAL A 190 2.23 9.59 4.54
N ILE A 191 2.90 9.55 3.42
CA ILE A 191 4.22 10.18 3.27
C ILE A 191 4.09 11.22 2.14
N TYR A 192 5.03 12.15 2.10
CA TYR A 192 4.96 13.26 1.17
C TYR A 192 6.22 13.36 0.33
N ARG A 193 7.05 12.31 0.40
CA ARG A 193 8.28 12.16 -0.38
C ARG A 193 8.32 10.75 -0.90
N GLY A 194 8.47 10.60 -2.22
CA GLY A 194 8.51 9.28 -2.84
C GLY A 194 9.59 8.36 -2.30
N GLU A 195 10.75 8.92 -1.94
CA GLU A 195 11.88 8.15 -1.42
C GLU A 195 11.65 7.57 -0.02
N GLN A 196 10.48 7.83 0.60
CA GLN A 196 10.13 7.24 1.87
C GLN A 196 9.36 5.92 1.69
N ALA A 197 9.28 5.40 0.46
CA ALA A 197 8.67 4.06 0.31
C ALA A 197 9.39 3.31 -0.78
N TYR A 198 9.44 1.97 -0.64
CA TYR A 198 10.03 1.06 -1.62
C TYR A 198 9.03 -0.04 -1.94
N PRO A 199 8.75 -0.34 -3.24
CA PRO A 199 7.74 -1.38 -3.56
C PRO A 199 8.37 -2.78 -3.41
N GLU A 200 8.53 -3.26 -2.19
CA GLU A 200 9.28 -4.49 -1.88
C GLU A 200 8.77 -5.71 -2.62
N TYR A 201 7.45 -5.93 -2.53
CA TYR A 201 6.80 -7.09 -3.13
C TYR A 201 5.63 -6.70 -4.01
N LEU A 202 5.52 -7.39 -5.12
CA LEU A 202 4.40 -7.28 -6.04
C LEU A 202 3.55 -8.55 -5.91
N ILE A 203 2.29 -8.40 -5.47
CA ILE A 203 1.36 -9.51 -5.29
C ILE A 203 0.34 -9.54 -6.39
N THR A 204 0.20 -10.70 -7.06
CA THR A 204 -0.84 -10.89 -8.07
C THR A 204 -1.90 -11.79 -7.46
N TYR A 205 -3.17 -11.42 -7.53
CA TYR A 205 -4.20 -12.15 -6.80
C TYR A 205 -5.56 -11.98 -7.40
N GLN A 206 -6.51 -12.78 -6.96
CA GLN A 206 -7.93 -12.56 -7.26
C GLN A 206 -8.61 -12.44 -5.91
N ILE A 207 -9.72 -11.71 -5.85
CA ILE A 207 -10.56 -11.78 -4.66
C ILE A 207 -11.41 -13.06 -4.85
N MET A 208 -11.78 -13.74 -3.77
CA MET A 208 -12.59 -14.95 -3.83
C MET A 208 -14.04 -14.71 -3.51
N LYS A 209 -14.96 -15.31 -4.28
CA LYS A 209 -16.37 -15.12 -3.96
C LYS A 209 -16.77 -15.93 -2.73
N PRO A 210 -17.36 -15.31 -1.67
CA PRO A 210 -17.79 -16.10 -0.50
C PRO A 210 -18.95 -17.02 -0.86
#